data_2GHS
#
_entry.id   2GHS
#
_cell.length_a   46.258
_cell.length_b   75.703
_cell.length_c   81.538
_cell.angle_alpha   90.000
_cell.angle_beta   90.000
_cell.angle_gamma   90.000
#
_symmetry.space_group_name_H-M   'P 21 21 21'
#
loop_
_entity.id
_entity.type
_entity.pdbx_description
1 polymer AGR_C_1268p
2 non-polymer 'POTASSIUM ION'
3 non-polymer 'CHLORIDE ION'
4 non-polymer 1,2-ETHANEDIOL
5 water water
#
_entity_poly.entity_id   1
_entity_poly.type   'polypeptide(L)'
_entity_poly.pdbx_seq_one_letter_code
;(MSE)GSDKIHHHHHH(MSE)NAPLSHSRP(MSE)(MSE)QPSEDKSLATVFPFAGRVLDETP(MSE)LLGEGPTFDPAS
GTAWWFNILERELHELHLASGRKTVHALPF(MSE)GSALAKISDSKQLIASDDGLFLRDTATGVLTLHAELESDLPGNRS
NDGR(MSE)HPSGALWIGT(MSE)GRKAETGAGSIYHVAKGKVTKLFADISIPNSICFSPDGTTGYFVDTKVNRL(MSE)
RVPLDARTGLPTGKAEVFIDSTGIKGG(MSE)DGSVCDAEGHIWNARWGEGAVDRYDTDGNHIARYEVPGKQTTCPAFIG
PDASRLLVTSAREHLDDDAITANPQHGLTFELGIEVKGRFEPLYRL
;
_entity_poly.pdbx_strand_id   A
#
# COMPACT_ATOMS: atom_id res chain seq x y z
CA LEU A 32 -17.73 12.94 14.24
C LEU A 32 -16.73 11.76 14.54
N ALA A 33 -15.73 11.58 13.67
CA ALA A 33 -14.63 10.69 14.00
C ALA A 33 -13.92 11.17 15.26
N THR A 34 -13.53 10.23 16.09
CA THR A 34 -12.73 10.50 17.30
C THR A 34 -11.28 10.69 16.90
N VAL A 35 -10.64 11.73 17.40
CA VAL A 35 -9.24 12.03 17.05
C VAL A 35 -8.29 11.47 18.09
N PHE A 36 -7.29 10.75 17.61
CA PHE A 36 -6.23 10.16 18.42
C PHE A 36 -4.91 10.87 18.05
N PRO A 37 -4.45 11.78 18.90
CA PRO A 37 -3.13 12.40 18.65
C PRO A 37 -2.03 11.34 18.64
N PHE A 38 -0.91 11.64 17.99
CA PHE A 38 0.12 10.66 17.83
C PHE A 38 0.82 10.37 19.15
N ALA A 39 0.92 9.10 19.49
CA ALA A 39 1.61 8.68 20.70
C ALA A 39 2.45 7.45 20.36
N GLY A 40 2.83 7.34 19.11
CA GLY A 40 3.64 6.21 18.67
C GLY A 40 5.12 6.54 18.60
N ARG A 41 5.80 5.88 17.68
CA ARG A 41 7.22 6.07 17.55
C ARG A 41 7.65 6.08 16.11
N VAL A 42 8.86 6.60 15.90
CA VAL A 42 9.53 6.58 14.61
C VAL A 42 10.25 5.25 14.45
N LEU A 43 9.90 4.53 13.40
CA LEU A 43 10.55 3.26 13.07
C LEU A 43 11.82 3.45 12.26
N ASP A 44 11.83 4.46 11.40
CA ASP A 44 12.98 4.77 10.60
C ASP A 44 13.05 6.28 10.44
N GLU A 45 14.18 6.83 10.86
CA GLU A 45 14.45 8.26 10.79
C GLU A 45 14.87 8.76 9.41
N THR A 46 15.11 7.86 8.47
CA THR A 46 15.44 8.27 7.10
C THR A 46 14.20 8.76 6.42
N PRO A 47 14.21 9.99 5.90
CA PRO A 47 13.01 10.44 5.17
C PRO A 47 12.93 9.91 3.77
N LEU A 49 11.40 10.20 0.00
CA LEU A 49 10.78 11.11 -0.99
C LEU A 49 9.37 10.63 -1.27
N LEU A 50 9.20 9.33 -1.48
CA LEU A 50 7.86 8.77 -1.70
C LEU A 50 7.81 7.37 -1.10
N GLY A 51 7.61 7.34 0.22
CA GLY A 51 7.53 6.09 0.91
C GLY A 51 6.22 5.44 0.56
N GLU A 52 6.24 4.16 0.18
CA GLU A 52 5.00 3.46 -0.25
C GLU A 52 5.10 1.95 -0.19
N GLY A 53 3.93 1.29 -0.31
CA GLY A 53 3.94 -0.14 -0.42
C GLY A 53 4.48 -0.98 0.74
N PRO A 54 4.28 -0.54 1.99
CA PRO A 54 4.86 -1.32 3.09
C PRO A 54 4.20 -2.67 3.28
N THR A 55 4.97 -3.66 3.73
CA THR A 55 4.41 -4.97 4.05
C THR A 55 5.33 -5.64 5.06
N PHE A 56 4.86 -6.71 5.71
CA PHE A 56 5.60 -7.33 6.78
C PHE A 56 5.74 -8.82 6.47
N ASP A 57 6.94 -9.33 6.70
CA ASP A 57 7.25 -10.79 6.67
C ASP A 57 7.35 -11.34 8.08
N PRO A 58 6.33 -12.04 8.56
CA PRO A 58 6.31 -12.56 9.91
C PRO A 58 7.38 -13.63 10.19
N ALA A 59 7.79 -14.36 9.16
CA ALA A 59 8.77 -15.41 9.33
C ALA A 59 10.16 -14.88 9.67
N SER A 60 10.54 -13.73 9.12
CA SER A 60 11.81 -13.11 9.43
C SER A 60 11.69 -11.90 10.38
N GLY A 61 10.46 -11.45 10.66
CA GLY A 61 10.20 -10.29 11.51
C GLY A 61 10.71 -9.03 10.87
N THR A 62 10.47 -8.92 9.57
CA THR A 62 11.04 -7.83 8.75
C THR A 62 9.92 -7.02 8.00
N ALA A 63 9.95 -5.72 8.16
CA ALA A 63 9.11 -4.81 7.39
C ALA A 63 9.86 -4.40 6.14
N TRP A 64 9.12 -4.31 5.04
CA TRP A 64 9.63 -3.91 3.76
C TRP A 64 8.78 -2.73 3.25
N TRP A 65 9.41 -1.78 2.55
CA TRP A 65 8.65 -0.75 1.83
C TRP A 65 9.51 -0.19 0.71
N PHE A 66 8.91 0.68 -0.11
CA PHE A 66 9.64 1.29 -1.18
C PHE A 66 9.81 2.79 -1.02
N ASN A 67 10.86 3.29 -1.64
CA ASN A 67 11.03 4.72 -1.96
C ASN A 67 10.88 4.82 -3.47
N ILE A 68 9.64 5.04 -3.91
CA ILE A 68 9.28 4.70 -5.30
C ILE A 68 10.18 5.42 -6.31
N LEU A 69 10.21 6.73 -6.21
CA LEU A 69 10.85 7.57 -7.22
C LEU A 69 12.38 7.45 -7.19
N GLU A 70 12.95 6.97 -6.08
CA GLU A 70 14.41 6.76 -5.99
C GLU A 70 14.84 5.29 -6.24
N ARG A 71 13.89 4.44 -6.58
CA ARG A 71 14.18 3.04 -6.96
C ARG A 71 14.84 2.27 -5.82
N GLU A 72 14.29 2.42 -4.62
CA GLU A 72 14.84 1.70 -3.44
C GLU A 72 13.83 0.79 -2.79
N LEU A 73 14.30 -0.37 -2.35
CA LEU A 73 13.52 -1.29 -1.54
C LEU A 73 14.18 -1.28 -0.15
N HIS A 74 13.41 -0.86 0.85
CA HIS A 74 13.85 -0.70 2.22
C HIS A 74 13.44 -1.89 3.05
N GLU A 75 14.36 -2.30 3.92
CA GLU A 75 14.20 -3.51 4.75
C GLU A 75 14.55 -3.10 6.18
N LEU A 76 13.65 -3.40 7.12
CA LEU A 76 13.83 -3.09 8.52
C LEU A 76 13.52 -4.32 9.35
N HIS A 77 14.54 -4.84 10.02
CA HIS A 77 14.33 -5.93 10.98
C HIS A 77 13.83 -5.31 12.29
N LEU A 78 12.61 -5.61 12.67
CA LEU A 78 11.95 -4.82 13.72
C LEU A 78 12.59 -4.87 15.06
N ALA A 79 12.89 -6.09 15.50
CA ALA A 79 13.37 -6.32 16.85
C ALA A 79 14.69 -5.64 17.10
N SER A 80 15.53 -5.61 16.09
CA SER A 80 16.88 -5.09 16.20
C SER A 80 17.04 -3.66 15.69
N GLY A 81 16.11 -3.23 14.83
CA GLY A 81 16.20 -1.92 14.18
C GLY A 81 17.20 -1.86 13.03
N ARG A 82 17.75 -3.00 12.63
CA ARG A 82 18.71 -3.08 11.56
C ARG A 82 18.05 -2.71 10.22
N LYS A 83 18.62 -1.73 9.54
CA LYS A 83 18.04 -1.18 8.30
C LYS A 83 18.95 -1.50 7.10
N THR A 84 18.39 -1.95 5.99
CA THR A 84 19.13 -2.19 4.76
C THR A 84 18.39 -1.55 3.61
N VAL A 85 19.13 -0.94 2.71
CA VAL A 85 18.50 -0.32 1.52
C VAL A 85 19.01 -0.99 0.26
N HIS A 86 18.10 -1.45 -0.58
CA HIS A 86 18.44 -2.22 -1.78
C HIS A 86 18.09 -1.37 -2.99
N ALA A 87 19.06 -1.18 -3.86
CA ALA A 87 18.92 -0.41 -5.08
C ALA A 87 18.28 -1.26 -6.18
N LEU A 88 17.28 -0.68 -6.84
CA LEU A 88 16.56 -1.37 -7.91
C LEU A 88 16.81 -0.69 -9.26
N PRO A 89 16.72 -1.47 -10.36
CA PRO A 89 16.85 -0.91 -11.69
C PRO A 89 15.48 -0.39 -12.22
N PHE A 90 14.47 -0.28 -11.36
CA PHE A 90 13.15 0.15 -11.74
C PHE A 90 12.48 0.76 -10.52
N GLY A 92 10.04 0.17 -8.08
CA GLY A 92 9.16 -0.80 -7.44
C GLY A 92 8.12 -0.07 -6.62
N SER A 93 6.89 -0.62 -6.58
CA SER A 93 5.84 -0.08 -5.71
C SER A 93 5.06 -1.06 -4.86
N ALA A 94 5.20 -2.37 -5.11
CA ALA A 94 4.50 -3.38 -4.28
C ALA A 94 5.33 -4.62 -4.17
N LEU A 95 5.20 -5.28 -3.02
CA LEU A 95 5.98 -6.48 -2.73
CA LEU A 95 5.96 -6.49 -2.77
C LEU A 95 5.07 -7.57 -2.16
N ALA A 96 5.25 -8.80 -2.64
CA ALA A 96 4.55 -9.95 -2.10
C ALA A 96 5.55 -11.04 -1.83
N LYS A 97 5.34 -11.75 -0.72
CA LYS A 97 6.14 -12.90 -0.44
C LYS A 97 5.64 -14.09 -1.27
N ILE A 98 6.57 -14.87 -1.82
CA ILE A 98 6.29 -16.16 -2.45
C ILE A 98 6.68 -17.31 -1.52
N SER A 99 7.86 -17.20 -0.95
CA SER A 99 8.39 -18.22 -0.09
C SER A 99 9.49 -17.60 0.77
N ASP A 100 10.14 -18.38 1.61
CA ASP A 100 11.19 -17.77 2.39
C ASP A 100 12.41 -17.34 1.53
N SER A 101 12.49 -17.82 0.28
CA SER A 101 13.59 -17.45 -0.60
C SER A 101 13.23 -16.56 -1.81
N LYS A 102 11.94 -16.23 -2.00
CA LYS A 102 11.51 -15.51 -3.17
CA LYS A 102 11.50 -15.50 -3.18
C LYS A 102 10.40 -14.51 -2.85
N GLN A 103 10.45 -13.38 -3.53
CA GLN A 103 9.46 -12.35 -3.45
C GLN A 103 9.04 -11.98 -4.89
N LEU A 104 7.86 -11.35 -4.99
CA LEU A 104 7.33 -10.73 -6.23
C LEU A 104 7.32 -9.21 -6.05
N ILE A 105 7.91 -8.50 -7.01
CA ILE A 105 7.91 -7.04 -6.96
CA ILE A 105 7.94 -7.04 -6.98
C ILE A 105 7.18 -6.52 -8.19
N ALA A 106 6.23 -5.61 -7.96
CA ALA A 106 5.56 -4.90 -9.05
C ALA A 106 6.32 -3.60 -9.25
N SER A 107 6.57 -3.28 -10.52
CA SER A 107 7.27 -2.08 -10.85
C SER A 107 6.71 -1.43 -12.10
N ASP A 108 7.25 -0.25 -12.42
CA ASP A 108 6.95 0.47 -13.64
C ASP A 108 7.35 -0.26 -14.90
N ASP A 109 8.20 -1.25 -14.78
CA ASP A 109 8.67 -1.97 -15.93
C ASP A 109 8.18 -3.43 -16.04
N GLY A 110 7.30 -3.86 -15.13
CA GLY A 110 6.80 -5.19 -15.10
C GLY A 110 6.86 -5.80 -13.72
N LEU A 111 6.47 -7.07 -13.64
CA LEU A 111 6.48 -7.86 -12.43
C LEU A 111 7.71 -8.78 -12.44
N PHE A 112 8.49 -8.72 -11.37
CA PHE A 112 9.80 -9.41 -11.28
C PHE A 112 9.84 -10.29 -10.04
N LEU A 113 10.45 -11.44 -10.18
CA LEU A 113 10.81 -12.29 -9.02
C LEU A 113 12.12 -11.78 -8.43
N ARG A 114 12.22 -11.78 -7.12
CA ARG A 114 13.42 -11.36 -6.43
C ARG A 114 13.86 -12.51 -5.54
N ASP A 115 15.10 -12.96 -5.73
CA ASP A 115 15.70 -13.95 -4.84
C ASP A 115 16.18 -13.23 -3.59
N THR A 116 15.69 -13.63 -2.41
CA THR A 116 15.98 -12.81 -1.25
C THR A 116 17.42 -12.98 -0.74
N ALA A 117 18.04 -14.10 -1.09
CA ALA A 117 19.47 -14.30 -0.73
C ALA A 117 20.47 -13.48 -1.56
N THR A 118 20.22 -13.41 -2.85
CA THR A 118 21.16 -12.83 -3.77
C THR A 118 20.72 -11.44 -4.27
N GLY A 119 19.43 -11.16 -4.14
CA GLY A 119 18.81 -9.95 -4.68
C GLY A 119 18.62 -9.95 -6.19
N VAL A 120 18.90 -11.07 -6.84
CA VAL A 120 18.74 -11.19 -8.27
C VAL A 120 17.26 -11.04 -8.64
N LEU A 121 17.00 -10.25 -9.67
CA LEU A 121 15.66 -9.95 -10.15
C LEU A 121 15.52 -10.59 -11.52
N THR A 122 14.36 -11.22 -11.78
CA THR A 122 14.08 -11.93 -13.03
CA THR A 122 14.10 -11.86 -13.07
C THR A 122 12.65 -11.59 -13.47
N LEU A 123 12.44 -11.18 -14.73
CA LEU A 123 11.07 -10.90 -15.18
C LEU A 123 10.11 -12.09 -14.97
N HIS A 124 8.95 -11.82 -14.40
CA HIS A 124 7.88 -12.80 -14.16
C HIS A 124 6.74 -12.63 -15.17
N ALA A 125 6.32 -11.38 -15.34
CA ALA A 125 5.29 -11.06 -16.31
C ALA A 125 5.39 -9.59 -16.69
N GLU A 126 5.05 -9.27 -17.94
CA GLU A 126 4.99 -7.87 -18.36
C GLU A 126 3.81 -7.17 -17.64
N LEU A 127 3.93 -5.87 -17.35
CA LEU A 127 2.84 -5.10 -16.78
C LEU A 127 3.07 -3.69 -17.28
N GLU A 128 2.28 -3.31 -18.30
CA GLU A 128 2.50 -2.02 -18.95
C GLU A 128 3.96 -1.80 -19.25
N SER A 129 4.61 -2.86 -19.70
CA SER A 129 6.03 -2.85 -19.97
C SER A 129 6.37 -2.09 -21.25
N ASP A 130 5.36 -1.83 -22.09
CA ASP A 130 5.48 -1.01 -23.27
C ASP A 130 4.87 0.38 -23.16
N LEU A 131 4.60 0.82 -21.93
CA LEU A 131 4.02 2.14 -21.68
C LEU A 131 4.96 2.98 -20.82
N PRO A 132 6.01 3.55 -21.43
CA PRO A 132 6.97 4.24 -20.60
C PRO A 132 6.44 5.42 -19.81
N GLY A 133 5.33 6.00 -20.25
CA GLY A 133 4.75 7.12 -19.55
C GLY A 133 3.99 6.79 -18.27
N ASN A 134 3.81 5.49 -17.97
CA ASN A 134 3.12 5.05 -16.81
C ASN A 134 4.06 4.38 -15.80
N ARG A 135 3.66 4.35 -14.54
CA ARG A 135 4.35 3.58 -13.49
C ARG A 135 3.33 2.78 -12.68
N SER A 136 3.82 1.83 -11.93
CA SER A 136 2.96 1.13 -10.96
C SER A 136 2.75 1.94 -9.71
N ASN A 137 1.67 1.66 -9.00
CA ASN A 137 1.41 2.35 -7.74
C ASN A 137 0.98 1.30 -6.69
N ASP A 138 -0.11 1.57 -6.02
CA ASP A 138 -0.63 0.76 -4.92
C ASP A 138 -0.93 -0.68 -5.36
N GLY A 139 -0.66 -1.65 -4.51
CA GLY A 139 -1.08 -3.02 -4.83
C GLY A 139 -1.26 -3.77 -3.55
N ARG A 140 -2.02 -4.87 -3.59
CA ARG A 140 -2.18 -5.71 -2.39
C ARG A 140 -2.56 -7.13 -2.80
N HIS A 142 -4.54 -10.64 -2.53
CA HIS A 142 -5.81 -11.26 -2.20
C HIS A 142 -5.49 -12.65 -1.61
N PRO A 143 -6.30 -13.12 -0.64
CA PRO A 143 -6.03 -14.43 -0.04
C PRO A 143 -6.01 -15.67 -0.97
N SER A 144 -6.58 -15.55 -2.17
CA SER A 144 -6.49 -16.61 -3.18
C SER A 144 -5.07 -16.77 -3.74
N GLY A 145 -4.18 -15.81 -3.49
CA GLY A 145 -2.84 -15.87 -4.04
C GLY A 145 -2.65 -15.02 -5.26
N ALA A 146 -3.69 -14.28 -5.64
CA ALA A 146 -3.63 -13.31 -6.74
C ALA A 146 -3.36 -11.90 -6.21
N LEU A 147 -2.60 -11.15 -7.00
CA LEU A 147 -2.24 -9.75 -6.67
C LEU A 147 -3.24 -8.84 -7.39
N TRP A 148 -3.66 -7.77 -6.72
CA TRP A 148 -4.26 -6.63 -7.39
C TRP A 148 -3.16 -5.54 -7.41
N ILE A 149 -2.95 -4.93 -8.57
CA ILE A 149 -1.96 -3.92 -8.70
C ILE A 149 -2.46 -2.78 -9.60
N GLY A 150 -2.27 -1.56 -9.12
CA GLY A 150 -2.59 -0.34 -9.82
C GLY A 150 -1.46 0.24 -10.62
N THR A 151 -1.80 0.89 -11.72
CA THR A 151 -0.84 1.66 -12.50
C THR A 151 -1.38 3.07 -12.72
N GLY A 153 -0.48 7.16 -14.93
CA GLY A 153 0.47 8.02 -15.66
C GLY A 153 1.44 8.59 -14.65
N ARG A 154 2.70 8.78 -15.05
CA ARG A 154 3.70 9.29 -14.11
C ARG A 154 3.35 10.70 -13.60
N LYS A 155 2.58 11.48 -14.36
CA LYS A 155 2.14 12.82 -13.96
C LYS A 155 0.68 12.80 -13.50
N ALA A 156 0.19 11.62 -13.15
CA ALA A 156 -1.23 11.41 -12.84
C ALA A 156 -2.20 11.90 -13.91
N GLU A 157 -1.82 11.75 -15.18
CA GLU A 157 -2.67 12.10 -16.29
C GLU A 157 -4.06 11.50 -16.10
N THR A 158 -5.09 12.30 -16.36
CA THR A 158 -6.45 11.88 -16.06
C THR A 158 -6.79 10.58 -16.75
N GLY A 159 -7.21 9.58 -15.97
CA GLY A 159 -7.67 8.33 -16.55
C GLY A 159 -6.65 7.40 -17.17
N ALA A 160 -5.36 7.68 -16.98
CA ALA A 160 -4.31 6.91 -17.66
C ALA A 160 -4.04 5.57 -17.00
N GLY A 161 -4.51 5.44 -15.76
CA GLY A 161 -4.23 4.22 -14.97
C GLY A 161 -5.34 3.17 -14.99
N SER A 162 -4.99 2.02 -14.44
CA SER A 162 -5.82 0.83 -14.36
C SER A 162 -5.50 0.02 -13.10
N ILE A 163 -6.36 -0.93 -12.80
CA ILE A 163 -6.13 -1.96 -11.78
C ILE A 163 -6.18 -3.30 -12.49
N TYR A 164 -5.11 -4.05 -12.26
CA TYR A 164 -4.96 -5.42 -12.80
C TYR A 164 -4.95 -6.49 -11.72
N HIS A 165 -5.35 -7.68 -12.14
CA HIS A 165 -5.31 -8.91 -11.36
C HIS A 165 -4.23 -9.76 -11.95
N VAL A 166 -3.35 -10.29 -11.09
CA VAL A 166 -2.24 -11.15 -11.53
C VAL A 166 -2.30 -12.48 -10.76
N ALA A 167 -2.45 -13.57 -11.49
CA ALA A 167 -2.46 -14.88 -10.87
C ALA A 167 -1.64 -15.83 -11.73
N LYS A 168 -0.62 -16.42 -11.13
CA LYS A 168 0.25 -17.38 -11.79
C LYS A 168 0.79 -16.78 -13.07
N GLY A 169 1.11 -15.50 -13.02
CA GLY A 169 1.76 -14.79 -14.10
C GLY A 169 0.84 -14.29 -15.21
N LYS A 170 -0.46 -14.56 -15.09
CA LYS A 170 -1.47 -14.12 -16.02
C LYS A 170 -2.06 -12.78 -15.55
N VAL A 171 -1.93 -11.77 -16.40
CA VAL A 171 -2.41 -10.41 -16.05
C VAL A 171 -3.77 -10.11 -16.73
N THR A 172 -4.76 -9.71 -15.93
CA THR A 172 -6.13 -9.40 -16.40
C THR A 172 -6.53 -7.99 -15.92
N LYS A 173 -6.93 -7.08 -16.82
CA LYS A 173 -7.36 -5.75 -16.38
C LYS A 173 -8.75 -5.85 -15.73
N LEU A 174 -8.89 -5.27 -14.55
CA LEU A 174 -10.14 -5.26 -13.80
C LEU A 174 -10.90 -3.94 -13.95
N PHE A 175 -10.18 -2.83 -13.84
CA PHE A 175 -10.75 -1.47 -13.81
C PHE A 175 -9.88 -0.54 -14.63
N ALA A 176 -10.53 0.29 -15.42
CA ALA A 176 -9.81 1.25 -16.27
C ALA A 176 -10.14 2.68 -15.89
N ASP A 177 -9.45 3.61 -16.56
CA ASP A 177 -9.78 5.03 -16.49
C ASP A 177 -9.65 5.56 -15.07
N ILE A 178 -8.60 5.13 -14.37
CA ILE A 178 -8.32 5.60 -13.01
C ILE A 178 -7.08 6.50 -13.04
N SER A 179 -7.16 7.67 -12.42
CA SER A 179 -6.01 8.57 -12.44
C SER A 179 -4.92 8.15 -11.44
N ILE A 180 -5.32 7.85 -10.21
CA ILE A 180 -4.39 7.42 -9.16
C ILE A 180 -5.05 6.29 -8.39
N PRO A 181 -4.71 5.05 -8.76
CA PRO A 181 -5.31 3.92 -8.02
C PRO A 181 -4.75 3.80 -6.64
N ASN A 182 -5.62 3.52 -5.67
CA ASN A 182 -5.18 3.44 -4.28
C ASN A 182 -6.18 2.69 -3.44
N SER A 183 -5.92 2.64 -2.13
CA SER A 183 -6.79 1.98 -1.15
C SER A 183 -7.18 0.58 -1.44
N ILE A 184 -6.33 -0.14 -2.17
CA ILE A 184 -6.62 -1.55 -2.48
C ILE A 184 -6.47 -2.42 -1.26
N CYS A 185 -7.57 -3.08 -0.89
CA CYS A 185 -7.55 -4.02 0.21
C CYS A 185 -8.79 -4.89 0.15
N PHE A 186 -8.88 -5.86 1.03
CA PHE A 186 -9.88 -6.91 0.96
C PHE A 186 -10.53 -7.22 2.30
N SER A 187 -11.79 -7.62 2.26
CA SER A 187 -12.51 -8.01 3.47
C SER A 187 -11.95 -9.29 4.08
N PRO A 188 -12.27 -9.57 5.35
CA PRO A 188 -11.69 -10.72 6.02
C PRO A 188 -11.93 -12.06 5.34
N ASP A 189 -13.08 -12.23 4.68
CA ASP A 189 -13.31 -13.51 4.01
C ASP A 189 -12.93 -13.53 2.55
N GLY A 190 -12.33 -12.45 2.05
CA GLY A 190 -11.90 -12.40 0.64
C GLY A 190 -13.01 -12.17 -0.38
N THR A 191 -14.22 -11.92 0.11
CA THR A 191 -15.39 -11.79 -0.75
C THR A 191 -15.73 -10.36 -1.22
N THR A 192 -15.01 -9.36 -0.69
CA THR A 192 -15.15 -7.98 -1.12
C THR A 192 -13.76 -7.37 -1.32
N GLY A 193 -13.63 -6.64 -2.40
CA GLY A 193 -12.47 -5.81 -2.62
C GLY A 193 -12.83 -4.37 -2.57
N TYR A 194 -11.84 -3.55 -2.22
CA TYR A 194 -11.98 -2.12 -2.13
C TYR A 194 -10.88 -1.43 -2.93
N PHE A 195 -11.21 -0.27 -3.50
CA PHE A 195 -10.24 0.58 -4.17
C PHE A 195 -10.77 1.99 -4.31
N VAL A 196 -9.88 2.92 -4.63
CA VAL A 196 -10.27 4.30 -4.83
C VAL A 196 -9.44 4.87 -5.97
N ASP A 197 -9.96 5.93 -6.59
CA ASP A 197 -9.17 6.79 -7.48
C ASP A 197 -8.93 8.01 -6.59
N THR A 198 -7.69 8.23 -6.18
CA THR A 198 -7.37 9.32 -5.22
C THR A 198 -7.81 10.70 -5.72
N LYS A 199 -7.88 10.89 -7.04
CA LYS A 199 -8.36 12.16 -7.58
C LYS A 199 -9.89 12.37 -7.41
N VAL A 200 -10.62 11.29 -7.12
CA VAL A 200 -12.07 11.29 -7.04
C VAL A 200 -12.54 11.10 -5.60
N ASN A 201 -11.83 10.25 -4.84
CA ASN A 201 -12.10 10.05 -3.40
C ASN A 201 -13.46 9.39 -3.13
N ARG A 202 -13.90 8.55 -4.06
CA ARG A 202 -15.02 7.65 -3.80
C ARG A 202 -14.52 6.23 -3.66
N LEU A 203 -14.46 5.76 -2.44
CA LEU A 203 -13.94 4.42 -2.17
CA LEU A 203 -13.97 4.41 -2.14
C LEU A 203 -15.02 3.41 -2.59
N ARG A 205 -16.51 -0.55 -3.32
CA ARG A 205 -16.47 -1.95 -2.94
C ARG A 205 -16.89 -2.80 -4.13
N VAL A 206 -16.28 -3.98 -4.22
CA VAL A 206 -16.44 -4.88 -5.35
C VAL A 206 -16.70 -6.32 -4.81
N PRO A 207 -17.83 -6.95 -5.19
CA PRO A 207 -18.03 -8.33 -4.80
C PRO A 207 -17.12 -9.25 -5.59
N LEU A 208 -16.47 -10.18 -4.88
CA LEU A 208 -15.47 -11.06 -5.46
C LEU A 208 -15.80 -12.50 -5.21
N ASP A 209 -15.27 -13.34 -6.10
CA ASP A 209 -15.09 -14.79 -5.90
C ASP A 209 -13.89 -14.98 -4.99
N ALA A 210 -14.14 -15.44 -3.77
CA ALA A 210 -13.04 -15.58 -2.78
C ALA A 210 -11.98 -16.56 -3.24
N ARG A 211 -12.31 -17.48 -4.14
CA ARG A 211 -11.36 -18.51 -4.56
C ARG A 211 -10.33 -18.00 -5.60
N THR A 212 -10.67 -16.92 -6.28
CA THR A 212 -9.85 -16.41 -7.37
C THR A 212 -9.42 -14.96 -7.23
N GLY A 213 -10.13 -14.20 -6.41
CA GLY A 213 -9.96 -12.75 -6.34
C GLY A 213 -10.47 -11.96 -7.51
N LEU A 214 -11.29 -12.58 -8.37
CA LEU A 214 -11.88 -11.88 -9.53
C LEU A 214 -13.27 -11.35 -9.14
N PRO A 215 -13.60 -10.15 -9.62
CA PRO A 215 -14.96 -9.60 -9.37
C PRO A 215 -16.08 -10.50 -9.88
N THR A 216 -17.17 -10.56 -9.12
CA THR A 216 -18.42 -11.23 -9.54
C THR A 216 -19.55 -10.23 -9.76
N GLY A 217 -19.26 -8.95 -9.64
CA GLY A 217 -20.24 -7.91 -9.86
C GLY A 217 -19.56 -6.55 -10.04
N LYS A 218 -20.35 -5.52 -10.32
CA LYS A 218 -19.77 -4.22 -10.60
C LYS A 218 -19.36 -3.55 -9.29
N ALA A 219 -18.50 -2.55 -9.40
CA ALA A 219 -18.09 -1.75 -8.24
C ALA A 219 -19.24 -0.87 -7.82
N GLU A 220 -19.40 -0.71 -6.49
CA GLU A 220 -20.41 0.12 -5.84
C GLU A 220 -19.72 1.16 -4.98
N VAL A 221 -20.27 2.36 -4.89
CA VAL A 221 -19.71 3.38 -4.00
C VAL A 221 -19.96 3.00 -2.55
N PHE A 222 -18.89 2.85 -1.78
CA PHE A 222 -18.98 2.48 -0.38
C PHE A 222 -18.78 3.68 0.55
N ILE A 223 -17.71 4.45 0.33
CA ILE A 223 -17.43 5.68 1.11
C ILE A 223 -17.18 6.89 0.17
N ASP A 224 -18.12 7.85 0.19
CA ASP A 224 -17.99 9.06 -0.61
C ASP A 224 -17.30 10.11 0.28
N SER A 225 -16.03 10.38 -0.04
CA SER A 225 -15.27 11.39 0.69
CA SER A 225 -15.21 11.33 0.66
C SER A 225 -14.85 12.50 -0.27
N THR A 226 -15.68 12.72 -1.31
CA THR A 226 -15.36 13.70 -2.36
C THR A 226 -15.42 15.11 -1.82
N GLY A 227 -14.39 15.89 -2.14
CA GLY A 227 -14.30 17.26 -1.67
C GLY A 227 -13.79 17.44 -0.25
N ILE A 228 -13.68 16.34 0.50
CA ILE A 228 -13.16 16.41 1.86
CA ILE A 228 -13.15 16.35 1.88
C ILE A 228 -11.64 16.43 1.77
N LYS A 229 -11.03 17.23 2.64
CA LYS A 229 -9.65 17.57 2.46
C LYS A 229 -8.77 16.33 2.48
N GLY A 230 -7.76 16.36 1.62
CA GLY A 230 -6.82 15.26 1.51
C GLY A 230 -7.27 14.16 0.55
N GLY A 231 -6.33 13.30 0.20
CA GLY A 231 -6.51 12.21 -0.75
C GLY A 231 -6.47 10.85 -0.09
N ASP A 233 -5.29 7.46 0.20
CA ASP A 233 -4.12 6.78 -0.35
C ASP A 233 -4.21 5.27 0.00
N GLY A 234 -3.12 4.64 0.51
CA GLY A 234 -3.14 3.22 0.78
C GLY A 234 -4.02 2.86 1.95
N SER A 235 -4.54 1.63 1.90
CA SER A 235 -5.38 1.08 2.96
C SER A 235 -5.11 -0.36 3.30
N VAL A 236 -5.39 -0.68 4.56
CA VAL A 236 -5.49 -2.08 5.03
C VAL A 236 -6.87 -2.30 5.61
N CYS A 237 -7.26 -3.56 5.72
CA CYS A 237 -8.54 -3.96 6.23
C CYS A 237 -8.27 -4.97 7.37
N ASP A 238 -8.77 -4.64 8.58
CA ASP A 238 -8.45 -5.45 9.74
C ASP A 238 -9.34 -6.72 9.86
N ALA A 239 -9.14 -7.48 10.94
CA ALA A 239 -9.76 -8.78 11.07
C ALA A 239 -11.27 -8.65 11.25
N GLU A 240 -11.72 -7.47 11.71
CA GLU A 240 -13.14 -7.17 11.85
C GLU A 240 -13.76 -6.59 10.59
N GLY A 241 -12.96 -6.26 9.59
CA GLY A 241 -13.42 -5.67 8.35
C GLY A 241 -13.36 -4.17 8.29
N HIS A 242 -12.83 -3.49 9.32
CA HIS A 242 -12.65 -2.03 9.26
C HIS A 242 -11.55 -1.70 8.27
N ILE A 243 -11.72 -0.59 7.56
CA ILE A 243 -10.70 -0.07 6.63
C ILE A 243 -9.91 1.03 7.32
N TRP A 244 -8.58 0.92 7.23
CA TRP A 244 -7.68 1.89 7.79
C TRP A 244 -6.94 2.52 6.60
N ASN A 245 -7.21 3.79 6.34
CA ASN A 245 -6.78 4.50 5.12
C ASN A 245 -5.87 5.68 5.44
N ALA A 246 -4.68 5.70 4.83
CA ALA A 246 -3.76 6.83 4.92
C ALA A 246 -4.34 7.99 4.11
N ARG A 247 -4.43 9.17 4.70
CA ARG A 247 -5.03 10.33 4.05
C ARG A 247 -3.91 11.32 3.72
N TRP A 248 -3.54 11.38 2.44
CA TRP A 248 -2.48 12.27 2.02
C TRP A 248 -2.85 13.73 2.23
N GLY A 249 -1.97 14.43 2.93
CA GLY A 249 -2.10 15.84 3.19
C GLY A 249 -2.65 16.16 4.55
N GLU A 250 -3.15 15.15 5.26
CA GLU A 250 -3.82 15.34 6.52
C GLU A 250 -3.08 14.72 7.71
N GLY A 251 -1.94 14.07 7.46
CA GLY A 251 -1.13 13.45 8.54
C GLY A 251 -2.01 12.55 9.40
N ALA A 252 -2.64 11.60 8.75
CA ALA A 252 -3.69 10.78 9.38
C ALA A 252 -3.88 9.44 8.75
N VAL A 253 -4.28 8.49 9.59
CA VAL A 253 -4.90 7.26 9.15
C VAL A 253 -6.34 7.31 9.65
N ASP A 254 -7.27 7.20 8.71
CA ASP A 254 -8.70 7.21 8.99
C ASP A 254 -9.20 5.78 9.08
N ARG A 255 -10.04 5.54 10.06
CA ARG A 255 -10.66 4.23 10.26
C ARG A 255 -12.18 4.33 10.04
N TYR A 256 -12.63 3.40 9.21
CA TYR A 256 -14.05 3.22 8.85
C TYR A 256 -14.60 1.89 9.25
N ASP A 257 -15.83 1.91 9.78
CA ASP A 257 -16.46 0.67 10.25
C ASP A 257 -17.05 -0.05 9.06
N THR A 258 -17.72 -1.18 9.29
CA THR A 258 -18.13 -1.96 8.14
C THR A 258 -19.36 -1.37 7.42
N ASP A 259 -19.97 -0.32 7.99
CA ASP A 259 -20.99 0.46 7.27
C ASP A 259 -20.41 1.65 6.49
N GLY A 260 -19.12 1.84 6.60
CA GLY A 260 -18.42 2.92 5.98
C GLY A 260 -18.48 4.24 6.75
N ASN A 261 -18.90 4.21 8.02
CA ASN A 261 -18.82 5.38 8.89
C ASN A 261 -17.39 5.66 9.30
N HIS A 262 -16.99 6.92 9.27
CA HIS A 262 -15.69 7.38 9.72
C HIS A 262 -15.67 7.51 11.22
N ILE A 263 -15.09 6.51 11.88
CA ILE A 263 -15.18 6.45 13.33
C ILE A 263 -13.95 7.00 14.08
N ALA A 264 -12.81 7.08 13.42
CA ALA A 264 -11.61 7.60 14.06
C ALA A 264 -10.62 8.15 13.05
N ARG A 265 -9.79 9.05 13.54
CA ARG A 265 -8.63 9.58 12.85
C ARG A 265 -7.42 9.53 13.75
N TYR A 266 -6.37 8.85 13.28
CA TYR A 266 -5.15 8.63 14.07
C TYR A 266 -4.10 9.49 13.42
N GLU A 267 -3.67 10.51 14.15
CA GLU A 267 -2.70 11.48 13.66
C GLU A 267 -1.29 10.86 13.60
N VAL A 268 -0.53 11.27 12.59
CA VAL A 268 0.92 10.96 12.43
C VAL A 268 1.64 12.22 11.99
N PRO A 269 2.92 12.33 12.36
CA PRO A 269 3.66 13.56 12.12
C PRO A 269 3.92 13.90 10.68
N GLY A 270 4.08 12.91 9.81
CA GLY A 270 4.27 13.21 8.37
C GLY A 270 2.94 13.43 7.69
N LYS A 271 2.75 14.63 7.14
CA LYS A 271 1.45 15.06 6.64
C LYS A 271 1.06 14.38 5.33
N GLN A 272 2.05 14.02 4.54
CA GLN A 272 1.80 13.34 3.27
C GLN A 272 1.80 11.83 3.51
N THR A 273 0.74 11.40 4.20
CA THR A 273 0.62 10.04 4.70
C THR A 273 0.30 9.14 3.49
N THR A 274 1.03 8.04 3.33
CA THR A 274 0.83 7.23 2.13
C THR A 274 0.21 5.84 2.30
N CYS A 275 0.58 5.10 3.33
CA CYS A 275 0.12 3.72 3.44
C CYS A 275 0.34 3.11 4.82
N PRO A 276 -0.65 2.37 5.33
CA PRO A 276 -0.43 1.56 6.54
C PRO A 276 -0.02 0.10 6.26
N ALA A 277 0.50 -0.57 7.27
CA ALA A 277 0.80 -2.00 7.19
C ALA A 277 0.70 -2.61 8.60
N PHE A 278 0.14 -3.82 8.71
CA PHE A 278 0.19 -4.57 9.94
C PHE A 278 1.57 -5.16 10.15
N ILE A 279 2.09 -5.00 11.37
CA ILE A 279 3.43 -5.45 11.70
C ILE A 279 3.42 -6.08 13.10
N GLY A 280 4.53 -6.70 13.44
CA GLY A 280 4.69 -7.37 14.71
C GLY A 280 4.19 -8.80 14.72
N PRO A 281 4.57 -9.54 15.76
CA PRO A 281 4.32 -10.97 15.79
C PRO A 281 2.88 -11.38 15.80
N ASP A 282 1.99 -10.48 16.22
CA ASP A 282 0.57 -10.82 16.19
C ASP A 282 -0.23 -9.98 15.16
N ALA A 283 0.47 -9.35 14.21
CA ALA A 283 -0.13 -8.41 13.25
C ALA A 283 -0.93 -7.35 14.02
N SER A 284 -0.42 -6.96 15.19
CA SER A 284 -1.19 -6.09 16.10
C SER A 284 -0.70 -4.65 16.28
N ARG A 285 0.27 -4.25 15.45
CA ARG A 285 0.75 -2.88 15.39
CA ARG A 285 0.72 -2.87 15.40
C ARG A 285 0.60 -2.33 13.99
N LEU A 286 0.59 -1.00 13.88
CA LEU A 286 0.36 -0.38 12.59
C LEU A 286 1.51 0.53 12.21
N LEU A 287 2.21 0.13 11.16
CA LEU A 287 3.25 0.96 10.51
C LEU A 287 2.61 1.91 9.50
N VAL A 288 3.15 3.13 9.34
CA VAL A 288 2.60 4.14 8.43
C VAL A 288 3.75 4.84 7.74
N THR A 289 3.80 4.75 6.41
CA THR A 289 4.74 5.47 5.58
C THR A 289 4.23 6.86 5.24
N SER A 290 5.17 7.69 4.85
CA SER A 290 4.87 9.05 4.41
C SER A 290 5.86 9.53 3.33
N ALA A 291 5.62 10.72 2.83
CA ALA A 291 6.37 11.26 1.68
C ALA A 291 6.81 12.71 1.89
N ARG A 292 7.91 13.07 1.21
CA ARG A 292 8.37 14.46 1.06
C ARG A 292 8.07 15.03 -0.33
N GLU A 293 7.58 14.19 -1.24
CA GLU A 293 7.40 14.58 -2.65
C GLU A 293 6.63 15.89 -2.76
N HIS A 294 7.17 16.80 -3.57
CA HIS A 294 6.57 18.09 -3.89
C HIS A 294 6.74 19.16 -2.82
N LEU A 295 7.05 18.79 -1.58
CA LEU A 295 7.13 19.76 -0.49
C LEU A 295 8.32 20.67 -0.66
N ASP A 296 8.10 21.98 -0.46
CA ASP A 296 9.20 22.93 -0.59
C ASP A 296 10.12 22.87 0.64
N ASP A 297 11.23 23.56 0.54
CA ASP A 297 12.27 23.52 1.56
C ASP A 297 11.82 24.07 2.91
N ASP A 298 10.99 25.11 2.89
CA ASP A 298 10.48 25.71 4.14
C ASP A 298 9.59 24.72 4.90
N ALA A 299 8.80 23.96 4.16
CA ALA A 299 7.90 22.97 4.74
C ALA A 299 8.69 21.87 5.43
N ILE A 300 9.79 21.46 4.79
CA ILE A 300 10.66 20.43 5.35
C ILE A 300 11.36 20.93 6.58
N THR A 301 11.73 22.20 6.56
CA THR A 301 12.35 22.81 7.72
C THR A 301 11.40 22.95 8.89
N ALA A 302 10.15 23.29 8.60
CA ALA A 302 9.12 23.44 9.64
C ALA A 302 8.70 22.12 10.27
N ASN A 303 8.80 21.03 9.52
CA ASN A 303 8.42 19.70 9.99
C ASN A 303 9.37 18.66 9.40
N PRO A 304 10.48 18.42 10.10
CA PRO A 304 11.46 17.47 9.61
C PRO A 304 10.97 16.03 9.63
N GLN A 305 9.81 15.77 10.23
CA GLN A 305 9.30 14.42 10.22
C GLN A 305 8.52 14.04 8.96
N HIS A 306 8.39 14.96 8.02
CA HIS A 306 7.82 14.59 6.71
C HIS A 306 8.67 13.48 6.14
N GLY A 307 8.02 12.44 5.66
CA GLY A 307 8.73 11.36 4.95
C GLY A 307 9.20 10.19 5.81
N LEU A 308 9.12 10.36 7.12
CA LEU A 308 9.54 9.29 8.03
C LEU A 308 8.50 8.17 8.06
N THR A 309 8.90 7.03 8.62
CA THR A 309 8.06 5.84 8.74
C THR A 309 7.80 5.66 10.23
N PHE A 310 6.53 5.56 10.57
CA PHE A 310 6.06 5.56 11.96
C PHE A 310 5.36 4.27 12.36
N GLU A 311 5.20 4.08 13.65
CA GLU A 311 4.27 3.10 14.21
C GLU A 311 3.29 3.82 15.12
N LEU A 312 2.01 3.51 15.02
CA LEU A 312 1.03 4.16 15.90
C LEU A 312 1.15 3.62 17.34
N GLY A 313 0.63 4.36 18.32
CA GLY A 313 0.66 3.92 19.70
C GLY A 313 -0.41 2.92 20.08
N ILE A 314 -1.37 2.73 19.18
CA ILE A 314 -2.56 1.91 19.48
C ILE A 314 -2.46 0.51 18.92
N GLU A 315 -3.22 -0.38 19.52
CA GLU A 315 -3.30 -1.73 19.03
C GLU A 315 -4.26 -1.83 17.86
N VAL A 316 -3.91 -2.71 16.90
CA VAL A 316 -4.82 -3.12 15.85
C VAL A 316 -4.96 -4.64 15.85
N LYS A 317 -6.06 -5.14 15.30
CA LYS A 317 -6.22 -6.57 15.18
C LYS A 317 -6.09 -6.84 13.67
N GLY A 318 -4.87 -7.02 13.21
CA GLY A 318 -4.62 -7.21 11.80
C GLY A 318 -4.50 -8.65 11.33
N ARG A 319 -4.01 -8.78 10.09
CA ARG A 319 -3.73 -10.07 9.49
C ARG A 319 -2.54 -9.94 8.59
N PHE A 320 -1.72 -10.97 8.57
CA PHE A 320 -0.56 -10.96 7.71
C PHE A 320 -1.00 -11.13 6.26
N GLU A 321 -0.21 -10.54 5.37
CA GLU A 321 -0.53 -10.50 3.97
C GLU A 321 -0.42 -11.90 3.36
N PRO A 322 -1.34 -12.24 2.47
CA PRO A 322 -1.23 -13.52 1.77
C PRO A 322 0.00 -13.63 0.91
N LEU A 323 0.36 -14.88 0.59
CA LEU A 323 1.47 -15.18 -0.31
C LEU A 323 1.00 -15.21 -1.75
N TYR A 324 1.84 -14.73 -2.65
CA TYR A 324 1.60 -14.89 -4.07
C TYR A 324 1.91 -16.31 -4.51
N ARG A 325 0.96 -16.93 -5.21
CA ARG A 325 1.12 -18.30 -5.73
C ARG A 325 1.61 -18.31 -7.17
N LEU A 326 2.78 -18.88 -7.39
CA LEU A 326 3.32 -19.03 -8.72
C LEU A 326 2.52 -20.02 -9.57
#